data_2AYG
#
_entry.id   2AYG
#
_cell.length_a   73.449
_cell.length_b   73.449
_cell.length_c   109.237
_cell.angle_alpha   90.00
_cell.angle_beta   90.00
_cell.angle_gamma   120.00
#
_symmetry.space_group_name_H-M   'P 61'
#
loop_
_entity.id
_entity.type
_entity.pdbx_description
1 polymer "5'-D(*GP*CP*AP*AP*CP*CP*GP*AP*AP*TP*TP*CP*GP*GP*TP*TP*GP*C)-3'"
2 polymer 'Regulatory protein E2'
3 water water
#
loop_
_entity_poly.entity_id
_entity_poly.type
_entity_poly.pdbx_seq_one_letter_code
_entity_poly.pdbx_strand_id
1 'polydeoxyribonucleotide' (DG)(DC)(DA)(DA)(DC)(DC)(DG)(DA)(DA)(DT)(DT)(DC)(DG)(DG)(DT)(DT)(DG)(DC) C,D
2 'polypeptide(L)'
;SSATPIVQFQGESNCLKCFRYRLNDKHRHLFDLISSTWHWASPKAPHKHAIVTVTYHSEEQRQQFLNVVKIPPTIRHKLG
FMSMHLL
;
A,B
#
# COMPACT_ATOMS: atom_id res chain seq x y z
N SER C 1 -13.13 6.71 14.34
CA SER C 1 -12.32 5.57 13.81
C SER C 1 -10.78 5.80 13.76
N SER C 2 -10.05 4.67 13.84
CA SER C 2 -8.60 4.61 13.58
C SER C 2 -8.38 4.21 12.09
N ALA C 3 -8.99 5.02 11.22
CA ALA C 3 -8.76 4.99 9.78
C ALA C 3 -7.81 6.15 9.50
N THR C 4 -7.06 6.06 8.39
CA THR C 4 -6.26 7.15 7.84
C THR C 4 -6.78 7.46 6.43
N PRO C 5 -7.14 8.72 6.19
CA PRO C 5 -7.59 9.08 4.88
C PRO C 5 -6.41 8.99 3.92
N ILE C 6 -6.62 8.29 2.81
CA ILE C 6 -5.58 8.15 1.78
C ILE C 6 -6.12 8.27 0.37
N VAL C 7 -5.21 8.47 -0.59
CA VAL C 7 -5.60 8.47 -1.99
C VAL C 7 -4.65 7.60 -2.79
N GLN C 8 -5.19 6.78 -3.67
CA GLN C 8 -4.37 5.84 -4.41
C GLN C 8 -4.38 6.32 -5.84
N PHE C 9 -3.20 6.34 -6.48
CA PHE C 9 -3.07 6.87 -7.85
C PHE C 9 -2.48 5.86 -8.77
N GLN C 10 -3.10 5.69 -9.90
CA GLN C 10 -2.65 4.64 -10.79
C GLN C 10 -2.44 5.14 -12.20
N GLY C 11 -1.44 4.58 -12.86
CA GLY C 11 -1.05 4.96 -14.22
C GLY C 11 0.35 4.47 -14.49
N GLU C 12 0.89 4.83 -15.65
CA GLU C 12 2.21 4.37 -16.06
C GLU C 12 3.25 4.80 -15.02
N SER C 13 4.11 3.85 -14.70
CA SER C 13 4.94 3.96 -13.52
C SER C 13 5.82 5.20 -13.51
N ASN C 14 6.39 5.54 -14.65
CA ASN C 14 7.22 6.73 -14.67
C ASN C 14 6.45 8.00 -14.31
N CYS C 15 5.35 8.26 -15.03
CA CYS C 15 4.62 9.52 -14.82
C CYS C 15 4.15 9.62 -13.36
N LEU C 16 3.80 8.46 -12.79
CA LEU C 16 3.47 8.35 -11.37
C LEU C 16 4.61 8.85 -10.51
N LYS C 17 5.80 8.30 -10.75
CA LYS C 17 7.04 8.73 -10.08
C LYS C 17 7.22 10.26 -10.10
N CYS C 18 7.13 10.85 -11.28
CA CYS C 18 7.47 12.26 -11.37
C CYS C 18 6.38 13.07 -10.73
N PHE C 19 5.18 12.51 -10.69
CA PHE C 19 4.08 13.19 -10.04
C PHE C 19 4.38 13.33 -8.55
N ARG C 20 4.84 12.23 -7.96
CA ARG C 20 5.30 12.20 -6.59
C ARG C 20 6.30 13.34 -6.38
N TYR C 21 7.35 13.34 -7.21
CA TYR C 21 8.46 14.28 -7.06
C TYR C 21 7.92 15.70 -6.93
N ARG C 22 7.06 16.01 -7.89
CA ARG C 22 6.42 17.28 -8.01
C ARG C 22 5.62 17.55 -6.75
N LEU C 23 4.87 16.56 -6.30
CA LEU C 23 4.05 16.75 -5.12
C LEU C 23 4.92 17.21 -3.96
N ASN C 24 6.14 16.73 -4.00
CA ASN C 24 7.05 16.84 -2.92
C ASN C 24 7.77 18.16 -2.68
N ASP C 25 8.26 18.87 -3.70
CA ASP C 25 7.59 19.79 -4.49
C ASP C 25 7.35 20.97 -3.58
N LYS C 26 6.30 21.79 -3.59
CA LYS C 26 5.22 22.04 -4.51
C LYS C 26 4.02 21.93 -3.63
N HIS C 27 3.81 20.76 -3.04
CA HIS C 27 2.64 20.60 -2.22
C HIS C 27 2.91 19.85 -0.94
N ARG C 28 4.20 19.85 -0.55
CA ARG C 28 4.70 19.17 0.66
C ARG C 28 3.79 19.35 1.87
N HIS C 29 3.29 20.56 2.07
CA HIS C 29 2.48 20.92 3.23
C HIS C 29 1.06 20.38 3.16
N LEU C 30 0.74 19.66 2.08
CA LEU C 30 -0.67 19.34 1.83
C LEU C 30 -1.09 17.90 2.09
N PHE C 31 -0.14 17.12 2.59
CA PHE C 31 -0.41 15.75 2.92
C PHE C 31 0.70 15.18 3.77
N ASP C 32 0.41 14.07 4.44
CA ASP C 32 1.37 13.39 5.28
C ASP C 32 2.43 12.53 4.53
N LEU C 33 2.06 11.30 4.19
CA LEU C 33 3.04 10.36 3.65
C LEU C 33 2.78 10.00 2.23
N ILE C 34 3.82 9.46 1.59
CA ILE C 34 3.73 9.07 0.19
C ILE C 34 4.59 7.87 -0.22
N SER C 35 3.95 6.87 -0.84
CA SER C 35 4.62 5.60 -1.21
C SER C 35 5.53 5.68 -2.40
N SER C 36 6.45 4.73 -2.47
CA SER C 36 7.19 4.45 -3.69
C SER C 36 6.16 3.90 -4.64
N THR C 37 6.57 3.60 -5.86
CA THR C 37 5.59 3.21 -6.87
C THR C 37 5.38 1.71 -6.85
N TRP C 38 4.21 1.24 -6.44
CA TRP C 38 4.01 -0.21 -6.41
C TRP C 38 2.99 -0.78 -7.42
N HIS C 39 2.94 -2.10 -7.55
CA HIS C 39 1.87 -2.72 -8.31
C HIS C 39 1.49 -3.97 -7.58
N TRP C 40 0.42 -4.63 -8.01
CA TRP C 40 0.12 -5.97 -7.50
C TRP C 40 0.95 -7.01 -8.25
N ALA C 41 1.50 -7.99 -7.55
CA ALA C 41 2.33 -9.02 -8.19
C ALA C 41 1.74 -10.46 -8.09
N SER C 42 0.95 -10.87 -9.10
CA SER C 42 0.29 -12.17 -9.09
C SER C 42 0.20 -12.76 -10.50
N PRO C 43 -0.98 -12.76 -11.16
CA PRO C 43 -2.38 -12.36 -10.92
C PRO C 43 -3.23 -13.60 -10.78
N LYS C 44 -4.27 -13.67 -9.97
CA LYS C 44 -4.77 -12.71 -8.99
C LYS C 44 -4.89 -11.18 -9.34
N ALA C 45 -3.78 -10.55 -9.79
CA ALA C 45 -3.63 -9.07 -9.95
C ALA C 45 -4.72 -8.36 -10.77
N PRO C 46 -5.53 -7.46 -10.11
CA PRO C 46 -6.76 -6.85 -10.70
C PRO C 46 -6.54 -5.98 -11.97
N HIS C 47 -5.33 -5.48 -12.17
CA HIS C 47 -5.00 -4.58 -13.26
C HIS C 47 -3.47 -4.44 -13.30
N LYS C 48 -2.89 -3.94 -14.39
CA LYS C 48 -1.43 -3.80 -14.39
C LYS C 48 -0.89 -2.36 -14.26
N HIS C 49 -1.66 -1.45 -13.66
CA HIS C 49 -1.17 -0.09 -13.43
C HIS C 49 -0.22 -0.06 -12.23
N ALA C 50 0.78 0.79 -12.30
CA ALA C 50 1.57 1.12 -11.13
C ALA C 50 0.67 1.92 -10.18
N ILE C 51 1.11 2.07 -8.93
CA ILE C 51 0.29 2.67 -7.90
C ILE C 51 1.19 3.45 -6.97
N VAL C 52 0.63 4.53 -6.43
CA VAL C 52 1.30 5.30 -5.43
C VAL C 52 0.24 5.69 -4.47
N THR C 53 0.52 5.46 -3.21
CA THR C 53 -0.38 5.84 -2.15
C THR C 53 0.05 7.15 -1.51
N VAL C 54 -0.94 7.98 -1.20
CA VAL C 54 -0.70 9.17 -0.39
C VAL C 54 -1.61 9.18 0.83
N THR C 55 -1.11 9.69 1.97
CA THR C 55 -1.84 9.74 3.26
C THR C 55 -1.94 11.17 3.79
N TYR C 56 -2.85 11.36 4.75
CA TYR C 56 -3.31 12.69 5.15
C TYR C 56 -3.64 12.82 6.61
N HIS C 57 -3.22 13.93 7.22
CA HIS C 57 -3.50 14.22 8.64
C HIS C 57 -4.96 14.35 8.96
N SER C 58 -5.85 14.34 7.95
CA SER C 58 -7.30 14.39 8.21
C SER C 58 -8.06 14.51 6.94
N GLU C 59 -9.31 14.03 6.96
CA GLU C 59 -10.21 14.18 5.80
C GLU C 59 -10.25 15.65 5.34
N GLU C 60 -10.42 16.57 6.31
CA GLU C 60 -10.50 17.96 5.99
C GLU C 60 -9.29 18.38 5.18
N GLN C 61 -8.11 17.87 5.55
CA GLN C 61 -6.88 18.22 4.82
C GLN C 61 -6.78 17.44 3.52
N ARG C 62 -7.38 16.27 3.48
CA ARG C 62 -7.35 15.46 2.27
C ARG C 62 -8.16 16.23 1.26
N GLN C 63 -9.22 16.88 1.75
CA GLN C 63 -10.04 17.79 0.93
C GLN C 63 -9.21 18.91 0.32
N GLN C 64 -8.62 19.72 1.20
CA GLN C 64 -7.80 20.85 0.77
C GLN C 64 -6.78 20.46 -0.31
N PHE C 65 -6.39 19.19 -0.34
CA PHE C 65 -5.38 18.73 -1.29
C PHE C 65 -5.99 18.57 -2.68
N LEU C 66 -7.19 18.02 -2.71
CA LEU C 66 -7.84 17.74 -3.98
C LEU C 66 -8.35 18.99 -4.67
N ASN C 67 -8.64 20.03 -3.89
CA ASN C 67 -8.96 21.34 -4.45
C ASN C 67 -7.72 21.84 -5.18
N VAL C 68 -6.65 22.00 -4.42
CA VAL C 68 -5.49 22.69 -4.92
C VAL C 68 -4.75 21.93 -6.02
N VAL C 69 -4.80 20.61 -6.00
CA VAL C 69 -3.80 19.93 -6.81
C VAL C 69 -4.27 19.53 -8.18
N LYS C 70 -3.36 19.68 -9.13
CA LYS C 70 -3.61 19.43 -10.54
C LYS C 70 -3.19 18.02 -10.84
N ILE C 71 -4.16 17.14 -11.02
CA ILE C 71 -3.83 15.75 -11.29
C ILE C 71 -3.61 15.43 -12.78
N PRO C 72 -2.38 15.07 -13.17
CA PRO C 72 -2.15 14.68 -14.55
C PRO C 72 -3.28 13.79 -15.11
N PRO C 73 -3.78 14.15 -16.31
CA PRO C 73 -4.85 13.48 -17.04
C PRO C 73 -4.53 12.00 -17.24
N THR C 74 -3.24 11.70 -17.42
CA THR C 74 -2.77 10.34 -17.62
C THR C 74 -2.87 9.37 -16.39
N ILE C 75 -3.22 9.92 -15.22
CA ILE C 75 -3.31 9.06 -14.03
C ILE C 75 -4.61 9.25 -13.28
N ARG C 76 -5.24 8.12 -12.97
CA ARG C 76 -6.57 8.07 -12.32
C ARG C 76 -6.47 7.90 -10.78
N HIS C 77 -7.48 8.31 -10.03
CA HIS C 77 -7.40 8.19 -8.54
C HIS C 77 -8.66 7.67 -7.79
N LYS C 78 -8.50 7.38 -6.49
CA LYS C 78 -9.54 6.82 -5.63
C LYS C 78 -9.25 7.18 -4.20
N LEU C 79 -10.30 7.32 -3.42
CA LEU C 79 -10.13 7.59 -1.99
C LEU C 79 -10.38 6.38 -1.12
N GLY C 80 -9.68 6.32 0.00
CA GLY C 80 -9.90 5.27 0.95
C GLY C 80 -9.23 5.51 2.28
N PHE C 81 -9.21 4.44 3.07
CA PHE C 81 -8.52 4.42 4.35
C PHE C 81 -7.79 3.09 4.47
N MET C 82 -6.56 3.14 4.97
CA MET C 82 -6.02 2.20 5.97
C MET C 82 -6.22 3.16 7.18
N SER C 83 -6.35 2.83 8.48
CA SER C 83 -5.79 1.74 9.30
C SER C 83 -4.34 1.66 9.06
N MET C 84 -3.43 2.48 9.60
CA MET C 84 -3.53 3.64 10.47
C MET C 84 -2.30 3.42 11.33
N HIS C 85 -2.35 2.38 12.14
CA HIS C 85 -1.17 1.86 12.79
C HIS C 85 -0.25 1.08 11.82
N LEU C 86 -0.64 1.03 10.54
CA LEU C 86 0.20 0.46 9.48
C LEU C 86 1.14 1.48 8.89
N LEU C 87 1.04 2.72 9.37
CA LEU C 87 1.95 3.74 8.92
C LEU C 87 3.27 3.60 9.68
N SER D 1 -19.18 -3.35 7.16
CA SER D 1 -17.70 -3.19 7.26
C SER D 1 -17.01 -3.49 5.91
N SER D 2 -16.87 -2.45 5.06
CA SER D 2 -16.12 -2.56 3.76
C SER D 2 -14.57 -2.50 3.85
N ALA D 3 -14.06 -3.15 4.90
CA ALA D 3 -12.64 -3.36 5.12
C ALA D 3 -12.16 -4.47 4.19
N THR D 4 -10.86 -4.54 3.92
CA THR D 4 -10.23 -5.77 3.47
C THR D 4 -9.16 -6.15 4.49
N PRO D 5 -9.21 -7.40 4.99
CA PRO D 5 -8.21 -7.80 5.95
C PRO D 5 -6.88 -7.92 5.24
N ILE D 6 -5.87 -7.22 5.75
CA ILE D 6 -4.53 -7.30 5.19
C ILE D 6 -3.44 -7.44 6.21
N VAL D 7 -2.25 -7.81 5.75
CA VAL D 7 -1.07 -7.90 6.61
C VAL D 7 0.12 -7.23 5.95
N GLN D 8 0.82 -6.41 6.72
CA GLN D 8 1.90 -5.64 6.15
C GLN D 8 3.15 -6.29 6.70
N PHE D 9 4.16 -6.46 5.85
CA PHE D 9 5.42 -7.07 6.28
C PHE D 9 6.58 -6.16 6.03
N GLN D 10 7.48 -6.08 6.99
CA GLN D 10 8.59 -5.16 6.83
C GLN D 10 9.93 -5.74 7.21
N GLY D 11 10.95 -5.35 6.45
CA GLY D 11 12.30 -5.89 6.60
C GLY D 11 13.11 -5.58 5.37
N GLU D 12 14.33 -6.11 5.33
CA GLU D 12 15.25 -5.84 4.24
C GLU D 12 14.60 -6.26 2.95
N SER D 13 14.70 -5.38 1.97
CA SER D 13 13.90 -5.49 0.77
C SER D 13 14.05 -6.83 0.06
N ASN D 14 15.29 -7.30 -0.04
CA ASN D 14 15.47 -8.56 -0.71
C ASN D 14 14.76 -9.72 -0.03
N CYS D 15 14.96 -9.89 1.28
CA CYS D 15 14.37 -11.07 1.94
C CYS D 15 12.85 -11.03 1.81
N LEU D 16 12.30 -9.80 1.84
CA LEU D 16 10.87 -9.56 1.64
C LEU D 16 10.44 -10.13 0.29
N LYS D 17 11.13 -9.70 -0.77
CA LYS D 17 10.99 -10.21 -2.13
C LYS D 17 10.89 -11.71 -2.16
N CYS D 18 11.88 -12.40 -1.60
CA CYS D 18 11.91 -13.85 -1.79
C CYS D 18 10.82 -14.48 -0.96
N PHE D 19 10.41 -13.79 0.09
CA PHE D 19 9.33 -14.29 0.93
C PHE D 19 8.05 -14.36 0.10
N ARG D 20 7.77 -13.26 -0.59
CA ARG D 20 6.68 -13.20 -1.56
C ARG D 20 6.72 -14.41 -2.47
N TYR D 21 7.87 -14.59 -3.13
CA TYR D 21 8.03 -15.62 -4.14
C TYR D 21 7.55 -16.93 -3.56
N ARG D 22 8.10 -17.24 -2.40
CA ARG D 22 7.82 -18.47 -1.68
C ARG D 22 6.34 -18.57 -1.37
N LEU D 23 5.77 -17.47 -0.89
CA LEU D 23 4.36 -17.45 -0.59
C LEU D 23 3.54 -17.85 -1.80
N ASN D 24 4.01 -17.42 -2.96
CA ASN D 24 3.31 -17.58 -4.21
C ASN D 24 3.24 -19.01 -4.66
N ASP D 25 4.32 -19.72 -4.40
CA ASP D 25 4.57 -20.99 -5.04
C ASP D 25 4.74 -21.98 -3.95
N LYS D 26 3.86 -21.89 -2.96
CA LYS D 26 3.77 -22.86 -1.86
C LYS D 26 2.53 -22.61 -1.06
N HIS D 27 2.03 -21.38 -1.08
CA HIS D 27 0.88 -20.98 -0.26
C HIS D 27 -0.15 -20.09 -0.96
N ARG D 28 -0.11 -20.19 -2.29
CA ARG D 28 -0.99 -19.46 -3.20
C ARG D 28 -2.45 -19.43 -2.73
N HIS D 29 -2.96 -20.57 -2.29
CA HIS D 29 -4.38 -20.74 -1.94
C HIS D 29 -4.76 -20.06 -0.62
N LEU D 30 -3.82 -19.37 0.02
CA LEU D 30 -4.07 -18.93 1.38
C LEU D 30 -4.33 -17.46 1.56
N PHE D 31 -4.34 -16.74 0.45
CA PHE D 31 -4.57 -15.34 0.47
C PHE D 31 -4.90 -14.85 -0.92
N ASP D 32 -5.47 -13.64 -0.96
CA ASP D 32 -5.81 -12.99 -2.20
C ASP D 32 -4.62 -12.29 -2.93
N LEU D 33 -4.31 -11.07 -2.54
CA LEU D 33 -3.38 -10.31 -3.34
C LEU D 33 -2.12 -10.03 -2.61
N ILE D 34 -1.10 -9.64 -3.35
CA ILE D 34 0.20 -9.37 -2.77
C ILE D 34 1.04 -8.32 -3.50
N SER D 35 1.49 -7.31 -2.75
CA SER D 35 2.16 -6.14 -3.35
C SER D 35 3.59 -6.40 -3.74
N SER D 36 4.09 -5.56 -4.66
CA SER D 36 5.52 -5.46 -4.92
C SER D 36 6.11 -4.92 -3.64
N THR D 37 7.44 -4.80 -3.58
CA THR D 37 8.08 -4.34 -2.36
C THR D 37 8.15 -2.82 -2.32
N TRP D 38 7.42 -2.19 -1.42
CA TRP D 38 7.47 -0.74 -1.36
C TRP D 38 8.12 -0.13 -0.11
N HIS D 39 8.37 1.17 -0.09
CA HIS D 39 8.73 1.81 1.16
C HIS D 39 8.06 3.15 1.19
N TRP D 40 8.18 3.87 2.29
CA TRP D 40 7.73 5.27 2.30
C TRP D 40 8.79 6.16 1.65
N ALA D 41 8.35 6.95 0.67
CA ALA D 41 9.24 7.63 -0.26
C ALA D 41 9.36 9.14 -0.01
N SER D 42 8.63 9.68 0.96
CA SER D 42 8.84 11.06 1.37
C SER D 42 10.06 11.16 2.29
N PRO D 43 10.72 12.35 2.33
CA PRO D 43 11.80 12.78 3.20
C PRO D 43 12.10 11.92 4.43
N LYS D 44 11.13 11.41 5.20
CA LYS D 44 10.02 12.06 5.85
C LYS D 44 10.09 11.35 7.19
N ALA D 45 10.01 10.00 7.29
CA ALA D 45 9.23 8.99 6.52
C ALA D 45 8.30 8.60 7.67
N PRO D 46 8.14 7.30 8.03
CA PRO D 46 8.11 6.83 9.43
C PRO D 46 9.20 5.82 9.86
N HIS D 47 9.95 5.28 8.91
CA HIS D 47 10.91 4.18 9.16
C HIS D 47 11.56 3.75 7.85
N LYS D 48 12.74 3.10 7.93
CA LYS D 48 13.53 2.78 6.72
C LYS D 48 13.17 1.48 5.96
N HIS D 49 12.33 0.64 6.55
CA HIS D 49 12.06 -0.73 6.04
C HIS D 49 11.26 -0.83 4.74
N ALA D 50 11.60 -1.80 3.91
CA ALA D 50 10.77 -2.14 2.79
C ALA D 50 9.49 -2.77 3.34
N ILE D 51 8.47 -2.84 2.49
CA ILE D 51 7.17 -3.30 2.90
C ILE D 51 6.54 -4.12 1.78
N VAL D 52 5.71 -5.07 2.17
CA VAL D 52 4.97 -5.83 1.22
C VAL D 52 3.65 -6.04 1.88
N THR D 53 2.59 -5.72 1.14
CA THR D 53 1.24 -5.92 1.60
C THR D 53 0.67 -7.21 1.06
N VAL D 54 -0.04 -7.93 1.92
CA VAL D 54 -0.85 -9.06 1.48
C VAL D 54 -2.32 -8.86 1.86
N THR D 55 -3.24 -9.35 1.03
CA THR D 55 -4.69 -9.21 1.25
C THR D 55 -5.37 -10.56 1.25
N TYR D 56 -6.62 -10.58 1.74
CA TYR D 56 -7.33 -11.82 2.12
C TYR D 56 -8.84 -11.77 1.89
N HIS D 57 -9.39 -12.88 1.36
CA HIS D 57 -10.84 -13.02 1.14
C HIS D 57 -11.66 -12.99 2.40
N SER D 58 -11.05 -12.95 3.58
CA SER D 58 -11.82 -12.81 4.83
C SER D 58 -10.93 -12.94 6.02
N GLU D 59 -11.35 -12.35 7.13
CA GLU D 59 -10.61 -12.48 8.38
C GLU D 59 -10.35 -13.97 8.69
N GLU D 60 -11.40 -14.78 8.57
CA GLU D 60 -11.26 -16.19 8.85
C GLU D 60 -10.15 -16.80 8.04
N GLN D 61 -10.01 -16.38 6.79
CA GLN D 61 -8.94 -16.92 5.93
C GLN D 61 -7.59 -16.26 6.25
N ARG D 62 -7.64 -15.04 6.76
CA ARG D 62 -6.43 -14.35 7.14
C ARG D 62 -5.86 -15.10 8.34
N GLN D 63 -6.78 -15.59 9.19
CA GLN D 63 -6.42 -16.48 10.33
C GLN D 63 -5.68 -17.74 9.88
N GLN D 64 -6.37 -18.52 9.06
CA GLN D 64 -5.78 -19.75 8.53
C GLN D 64 -4.36 -19.55 7.97
N PHE D 65 -4.07 -18.34 7.49
CA PHE D 65 -2.78 -18.07 6.87
C PHE D 65 -1.69 -17.94 7.92
N LEU D 66 -2.02 -17.26 9.02
CA LEU D 66 -1.07 -17.02 10.10
C LEU D 66 -0.75 -18.26 10.91
N ASN D 67 -1.70 -19.19 11.00
CA ASN D 67 -1.43 -20.51 11.57
C ASN D 67 -0.36 -21.16 10.69
N VAL D 68 -0.72 -21.36 9.44
CA VAL D 68 0.07 -22.24 8.60
C VAL D 68 1.46 -21.67 8.28
N VAL D 69 1.59 -20.35 8.20
CA VAL D 69 2.77 -19.87 7.51
C VAL D 69 3.93 -19.52 8.42
N LYS D 70 5.12 -19.88 7.96
CA LYS D 70 6.36 -19.70 8.69
C LYS D 70 6.93 -18.35 8.32
N ILE D 71 6.87 -17.40 9.23
CA ILE D 71 7.36 -16.06 8.89
C ILE D 71 8.85 -15.89 9.23
N PRO D 72 9.70 -15.72 8.20
CA PRO D 72 11.14 -15.47 8.46
C PRO D 72 11.36 -14.52 9.64
N PRO D 73 12.25 -14.90 10.56
CA PRO D 73 12.62 -14.16 11.78
C PRO D 73 13.00 -12.73 11.44
N THR D 74 13.71 -12.59 10.33
CA THR D 74 14.23 -11.31 9.88
C THR D 74 13.16 -10.26 9.46
N ILE D 75 11.88 -10.64 9.42
CA ILE D 75 10.86 -9.69 8.98
C ILE D 75 9.66 -9.64 9.90
N ARG D 76 9.26 -8.42 10.26
CA ARG D 76 8.20 -8.17 11.24
C ARG D 76 6.83 -7.90 10.57
N HIS D 77 5.72 -8.20 11.25
CA HIS D 77 4.39 -7.99 10.64
C HIS D 77 3.31 -7.27 11.50
N LYS D 78 2.17 -6.94 10.86
CA LYS D 78 1.06 -6.17 11.45
C LYS D 78 -0.18 -6.46 10.66
N LEU D 79 -1.32 -6.44 11.35
CA LEU D 79 -2.60 -6.61 10.67
C LEU D 79 -3.35 -5.31 10.52
N GLY D 80 -4.13 -5.22 9.46
CA GLY D 80 -4.94 -4.05 9.23
C GLY D 80 -5.95 -4.25 8.14
N PHE D 81 -6.61 -3.15 7.81
CA PHE D 81 -7.56 -3.15 6.72
C PHE D 81 -7.23 -1.96 5.84
N MET D 82 -7.53 -2.13 4.55
CA MET D 82 -7.63 -1.03 3.59
C MET D 82 -9.00 -1.09 2.86
N SER D 83 -9.51 0.06 2.42
CA SER D 83 -10.82 0.10 1.76
C SER D 83 -10.81 -0.88 0.63
N MET D 84 -11.88 -1.64 0.55
CA MET D 84 -11.93 -2.77 -0.35
C MET D 84 -11.87 -2.35 -1.83
N HIS D 85 -12.29 -1.14 -2.10
CA HIS D 85 -12.40 -0.69 -3.48
C HIS D 85 -11.08 -0.16 -4.04
N LEU D 86 -10.06 -0.16 -3.19
CA LEU D 86 -8.72 0.25 -3.60
C LEU D 86 -7.97 -0.90 -4.17
N LEU D 87 -8.62 -2.07 -4.20
CA LEU D 87 -8.01 -3.22 -4.81
C LEU D 87 -8.18 -3.17 -6.35
#